data_8RI0
#
_entry.id   8RI0
#
_cell.length_a   105.850
_cell.length_b   48.090
_cell.length_c   79.810
_cell.angle_alpha   90.000
_cell.angle_beta   116.220
_cell.angle_gamma   90.000
#
_symmetry.space_group_name_H-M   'C 1 2 1'
#
loop_
_entity.id
_entity.type
_entity.pdbx_description
1 polymer 'tRNA (guanine-N(1)-)-methyltransferase'
2 non-polymer S-ADENOSYLMETHIONINE
3 water water
#
_entity_poly.entity_id   1
_entity_poly.type   'polypeptide(L)'
_entity_poly.pdbx_seq_one_letter_code
;GPHMENLYFQGGRGVQRKYNIYVALMHYPMRDKEGKVVTTSITNMDLHDISRSCRTFGVKNYFVVNPMPAQREIASRVVR
HWIKGYGATYNENRKEAFEYTIITDSLASVIKSIEEKESGSPIIIATTARYQQKAISIEKLKEIADRPILLLFGTGWGFV
DDILEFADYVLKPIHGVGDFNHLSVRSAVAIYLDRINRSFQEDIL
;
_entity_poly.pdbx_strand_id   A,B
#
loop_
_chem_comp.id
_chem_comp.type
_chem_comp.name
_chem_comp.formula
SAM non-polymer S-ADENOSYLMETHIONINE 'C15 H22 N6 O5 S'
#
# COMPACT_ATOMS: atom_id res chain seq x y z
N TYR A 19 18.58 1.02 15.27
CA TYR A 19 18.04 0.64 13.97
C TYR A 19 16.53 0.40 14.05
N ASN A 20 15.91 0.93 15.09
CA ASN A 20 14.46 0.88 15.21
C ASN A 20 13.82 1.94 14.32
N ILE A 21 12.68 1.58 13.73
CA ILE A 21 11.95 2.45 12.80
C ILE A 21 10.56 2.72 13.37
N TYR A 22 10.19 4.00 13.43
CA TYR A 22 8.86 4.39 13.86
C TYR A 22 8.15 5.10 12.72
N VAL A 23 6.83 5.00 12.71
CA VAL A 23 5.99 5.63 11.69
C VAL A 23 4.98 6.51 12.42
N ALA A 24 4.78 7.73 11.91
CA ALA A 24 3.75 8.61 12.44
C ALA A 24 2.86 9.07 11.30
N LEU A 25 1.55 8.88 11.44
CA LEU A 25 0.57 9.42 10.52
C LEU A 25 0.03 10.73 11.10
N MET A 26 0.19 11.81 10.36
CA MET A 26 -0.15 13.13 10.90
C MET A 26 -1.31 13.76 10.14
N HIS A 27 -2.07 14.59 10.86
CA HIS A 27 -3.27 15.24 10.34
C HIS A 27 -3.24 16.74 10.52
N TYR A 28 -2.14 17.29 11.04
CA TYR A 28 -1.94 18.73 11.13
C TYR A 28 -0.44 18.98 11.17
N PRO A 29 0.09 19.93 10.41
CA PRO A 29 -0.63 20.80 9.47
C PRO A 29 -0.53 20.29 8.02
N MET A 30 -1.69 20.12 7.38
CA MET A 30 -1.77 19.60 6.02
C MET A 30 -2.22 20.70 5.06
N ARG A 31 -1.89 20.50 3.79
CA ARG A 31 -2.35 21.37 2.71
C ARG A 31 -3.73 20.93 2.25
N ASP A 32 -4.55 21.90 1.84
CA ASP A 32 -5.71 21.62 1.02
C ASP A 32 -5.29 21.66 -0.46
N LYS A 33 -6.26 21.48 -1.36
CA LYS A 33 -5.97 21.58 -2.78
C LYS A 33 -5.28 22.89 -3.14
N GLU A 34 -5.66 23.98 -2.47
CA GLU A 34 -5.07 25.29 -2.71
C GLU A 34 -3.87 25.59 -1.80
N GLY A 35 -3.36 24.58 -1.08
CA GLY A 35 -2.18 24.73 -0.27
C GLY A 35 -2.36 25.41 1.07
N LYS A 36 -3.59 25.74 1.46
CA LYS A 36 -3.84 26.37 2.75
C LYS A 36 -3.89 25.32 3.86
N VAL A 37 -3.64 25.76 5.09
CA VAL A 37 -3.51 24.84 6.22
C VAL A 37 -4.87 24.28 6.60
N VAL A 38 -4.91 22.97 6.88
CA VAL A 38 -6.12 22.28 7.30
C VAL A 38 -5.75 21.24 8.36
N THR A 39 -6.75 20.84 9.14
CA THR A 39 -6.65 19.70 10.05
C THR A 39 -7.59 18.62 9.51
N THR A 40 -7.01 17.51 9.05
CA THR A 40 -7.81 16.43 8.50
C THR A 40 -8.41 15.57 9.61
N SER A 41 -9.36 14.73 9.24
CA SER A 41 -9.97 13.78 10.15
C SER A 41 -9.37 12.39 9.93
N ILE A 42 -9.44 11.57 10.98
CA ILE A 42 -8.85 10.22 10.94
C ILE A 42 -9.74 9.31 10.12
N THR A 43 -9.14 8.67 9.12
CA THR A 43 -9.81 7.68 8.28
C THR A 43 -9.56 6.29 8.88
N ASN A 44 -10.66 5.57 9.18
CA ASN A 44 -10.55 4.29 9.86
C ASN A 44 -9.58 3.34 9.15
N MET A 45 -9.55 3.37 7.83
CA MET A 45 -8.72 2.41 7.11
C MET A 45 -7.24 2.74 7.23
N ASP A 46 -6.89 4.03 7.39
CA ASP A 46 -5.50 4.36 7.69
C ASP A 46 -5.04 3.73 8.99
N LEU A 47 -5.95 3.54 9.94
CA LEU A 47 -5.59 2.88 11.19
C LEU A 47 -5.23 1.41 10.95
N HIS A 48 -6.11 0.68 10.26
CA HIS A 48 -5.94 -0.75 10.09
C HIS A 48 -4.85 -1.06 9.09
N ASP A 49 -4.91 -0.41 7.94
CA ASP A 49 -4.06 -0.76 6.81
C ASP A 49 -2.60 -0.42 7.08
N ILE A 50 -2.33 0.72 7.73
CA ILE A 50 -0.97 1.08 8.06
C ILE A 50 -0.43 0.27 9.25
N SER A 51 -1.30 -0.15 10.17
CA SER A 51 -0.82 -0.97 11.26
C SER A 51 -0.41 -2.37 10.77
N ARG A 52 -1.05 -2.87 9.72
N ARG A 52 -1.07 -2.88 9.73
CA ARG A 52 -0.62 -4.13 9.13
CA ARG A 52 -0.65 -4.12 9.11
C ARG A 52 0.72 -3.98 8.45
C ARG A 52 0.73 -3.96 8.48
N SER A 53 0.91 -2.90 7.68
CA SER A 53 2.19 -2.68 7.02
C SER A 53 3.31 -2.51 8.05
N CYS A 54 3.09 -1.67 9.06
CA CYS A 54 4.08 -1.51 10.10
C CYS A 54 4.46 -2.85 10.73
N ARG A 55 3.46 -3.67 11.06
CA ARG A 55 3.75 -4.94 11.74
C ARG A 55 4.49 -5.90 10.82
N THR A 56 4.05 -6.01 9.56
CA THR A 56 4.77 -6.79 8.56
C THR A 56 6.25 -6.44 8.53
N PHE A 57 6.58 -5.14 8.54
CA PHE A 57 7.96 -4.74 8.30
C PHE A 57 8.70 -4.37 9.57
N GLY A 58 8.21 -4.80 10.74
CA GLY A 58 8.97 -4.66 11.96
C GLY A 58 9.08 -3.26 12.53
N VAL A 59 8.20 -2.32 12.10
CA VAL A 59 8.15 -1.00 12.72
C VAL A 59 7.85 -1.15 14.20
N LYS A 60 8.51 -0.36 15.04
CA LYS A 60 8.43 -0.58 16.48
C LYS A 60 7.14 -0.02 17.08
N ASN A 61 6.68 1.15 16.62
CA ASN A 61 5.38 1.68 17.02
C ASN A 61 4.79 2.52 15.88
N TYR A 62 3.47 2.49 15.79
CA TYR A 62 2.73 3.29 14.82
C TYR A 62 1.99 4.38 15.58
N PHE A 63 2.32 5.64 15.30
CA PHE A 63 1.73 6.78 15.97
C PHE A 63 0.68 7.42 15.07
N VAL A 64 -0.53 7.61 15.58
CA VAL A 64 -1.57 8.38 14.90
C VAL A 64 -1.68 9.73 15.60
N VAL A 65 -1.43 10.81 14.88
CA VAL A 65 -1.26 12.15 15.46
C VAL A 65 -2.39 13.04 14.98
N ASN A 66 -3.24 13.49 15.91
CA ASN A 66 -4.32 14.40 15.59
C ASN A 66 -4.55 15.37 16.76
N PRO A 67 -4.46 16.68 16.52
CA PRO A 67 -4.57 17.63 17.63
C PRO A 67 -5.97 17.82 18.16
N MET A 68 -6.99 17.28 17.49
CA MET A 68 -8.37 17.46 17.90
C MET A 68 -8.77 16.32 18.83
N PRO A 69 -9.09 16.58 20.10
CA PRO A 69 -9.45 15.50 21.03
C PRO A 69 -10.56 14.59 20.55
N ALA A 70 -11.51 15.13 19.79
CA ALA A 70 -12.64 14.32 19.31
C ALA A 70 -12.16 13.23 18.37
N GLN A 71 -11.18 13.54 17.52
CA GLN A 71 -10.65 12.54 16.61
C GLN A 71 -9.90 11.44 17.36
N ARG A 72 -9.01 11.84 18.27
CA ARG A 72 -8.27 10.85 19.06
C ARG A 72 -9.23 9.87 19.73
N GLU A 73 -10.36 10.37 20.22
CA GLU A 73 -11.34 9.52 20.90
C GLU A 73 -11.93 8.50 19.93
N ILE A 74 -12.37 8.96 18.76
CA ILE A 74 -12.93 8.06 17.76
C ILE A 74 -11.93 6.98 17.38
N ALA A 75 -10.70 7.40 17.08
CA ALA A 75 -9.66 6.48 16.64
C ALA A 75 -9.30 5.47 17.72
N SER A 76 -9.24 5.91 18.97
CA SER A 76 -8.96 4.98 20.07
C SER A 76 -10.01 3.89 20.13
N ARG A 77 -11.28 4.26 19.94
CA ARG A 77 -12.34 3.27 19.95
C ARG A 77 -12.19 2.29 18.82
N VAL A 78 -11.78 2.77 17.64
CA VAL A 78 -11.65 1.90 16.48
C VAL A 78 -10.52 0.90 16.69
N VAL A 79 -9.40 1.35 17.25
CA VAL A 79 -8.29 0.44 17.54
C VAL A 79 -8.71 -0.61 18.55
N ARG A 80 -9.41 -0.19 19.61
CA ARG A 80 -9.84 -1.12 20.65
C ARG A 80 -10.74 -2.22 20.08
N HIS A 81 -11.69 -1.85 19.22
CA HIS A 81 -12.62 -2.84 18.66
C HIS A 81 -11.93 -3.72 17.63
N TRP A 82 -11.12 -3.13 16.75
CA TRP A 82 -10.45 -3.88 15.69
C TRP A 82 -9.62 -5.03 16.25
N ILE A 83 -9.18 -4.94 17.49
CA ILE A 83 -8.39 -5.99 18.13
C ILE A 83 -9.19 -7.29 18.19
N GLU A 96 -2.70 -7.21 24.67
CA GLU A 96 -1.61 -7.80 23.89
C GLU A 96 -0.89 -6.71 23.12
N ALA A 97 -1.28 -6.55 21.84
CA ALA A 97 -0.71 -5.52 20.96
C ALA A 97 -1.51 -4.22 20.99
N PHE A 98 -2.13 -3.89 22.13
CA PHE A 98 -2.82 -2.62 22.29
C PHE A 98 -1.86 -1.46 22.48
N GLU A 99 -0.61 -1.74 22.85
CA GLU A 99 0.42 -0.72 22.97
C GLU A 99 1.17 -0.48 21.67
N TYR A 100 0.73 -1.07 20.56
CA TYR A 100 1.47 -0.98 19.30
C TYR A 100 1.14 0.27 18.51
N THR A 101 -0.16 0.52 18.29
CA THR A 101 -0.64 1.72 17.63
C THR A 101 -0.98 2.77 18.67
N ILE A 102 -0.29 3.90 18.62
CA ILE A 102 -0.35 4.93 19.65
C ILE A 102 -1.03 6.15 19.08
N ILE A 103 -2.20 6.48 19.61
CA ILE A 103 -2.91 7.70 19.22
C ILE A 103 -2.48 8.84 20.14
N THR A 104 -2.03 9.95 19.54
CA THR A 104 -1.50 11.06 20.33
C THR A 104 -1.85 12.39 19.63
N ASP A 105 -1.41 13.49 20.26
CA ASP A 105 -1.87 14.82 19.90
C ASP A 105 -0.90 15.59 19.01
N SER A 106 0.40 15.41 19.18
CA SER A 106 1.39 16.26 18.52
C SER A 106 2.66 15.49 18.21
N LEU A 107 3.36 15.92 17.15
CA LEU A 107 4.68 15.39 16.86
C LEU A 107 5.63 15.52 18.04
N ALA A 108 5.47 16.59 18.84
CA ALA A 108 6.27 16.73 20.05
C ALA A 108 6.05 15.56 20.99
N SER A 109 4.79 15.12 21.14
CA SER A 109 4.50 13.96 21.98
C SER A 109 5.10 12.69 21.39
N VAL A 110 5.00 12.53 20.07
CA VAL A 110 5.63 11.37 19.42
C VAL A 110 7.12 11.33 19.76
N ILE A 111 7.79 12.47 19.65
CA ILE A 111 9.24 12.50 19.84
C ILE A 111 9.60 12.15 21.27
N LYS A 112 8.85 12.69 22.24
CA LYS A 112 9.13 12.42 23.65
C LYS A 112 8.94 10.94 23.98
N SER A 113 8.05 10.25 23.25
CA SER A 113 7.80 8.84 23.53
C SER A 113 8.97 7.98 23.05
N ILE A 114 9.38 8.19 21.78
CA ILE A 114 10.55 7.52 21.22
C ILE A 114 11.78 7.75 22.08
N GLU A 115 12.04 9.02 22.44
CA GLU A 115 13.18 9.33 23.30
C GLU A 115 13.15 8.52 24.58
N GLU A 116 11.96 8.33 25.15
CA GLU A 116 11.79 7.48 26.34
C GLU A 116 12.09 6.01 26.01
N LYS A 117 11.58 5.52 24.88
CA LYS A 117 11.78 4.12 24.52
C LYS A 117 13.22 3.84 24.10
N GLU A 118 13.90 4.81 23.50
CA GLU A 118 15.19 4.56 22.86
C GLU A 118 16.36 5.19 23.58
N SER A 119 16.11 6.07 24.56
CA SER A 119 17.18 6.82 25.24
C SER A 119 18.00 7.62 24.24
N GLY A 120 17.30 8.23 23.29
CA GLY A 120 17.95 9.00 22.24
C GLY A 120 16.91 9.54 21.29
N SER A 121 17.28 10.63 20.62
CA SER A 121 16.32 11.30 19.75
C SER A 121 16.42 10.77 18.31
N PRO A 122 15.27 10.52 17.69
CA PRO A 122 15.25 9.92 16.36
C PRO A 122 15.63 10.92 15.28
N ILE A 123 16.03 10.39 14.14
CA ILE A 123 16.18 11.19 12.92
C ILE A 123 14.80 11.39 12.30
N ILE A 124 14.42 12.64 12.09
CA ILE A 124 13.08 12.98 11.61
C ILE A 124 13.11 13.05 10.10
N ILE A 125 12.34 12.17 9.43
CA ILE A 125 12.29 12.10 7.98
C ILE A 125 10.85 12.26 7.54
N ALA A 126 10.58 13.26 6.71
CA ALA A 126 9.26 13.50 6.14
C ALA A 126 9.16 12.85 4.78
N THR A 127 7.93 12.54 4.38
CA THR A 127 7.63 12.00 3.06
C THR A 127 6.65 12.93 2.33
N THR A 128 6.73 12.95 1.00
CA THR A 128 5.86 13.80 0.19
C THR A 128 5.96 13.36 -1.27
N ALA A 129 4.91 13.66 -2.03
CA ALA A 129 4.91 13.42 -3.46
C ALA A 129 5.59 14.53 -4.25
N ARG A 130 5.90 15.67 -3.63
CA ARG A 130 6.56 16.78 -4.30
C ARG A 130 8.07 16.66 -4.14
N TYR A 131 8.79 16.64 -5.25
CA TYR A 131 10.24 16.52 -5.19
C TYR A 131 10.85 17.76 -4.54
N GLN A 132 11.65 17.56 -3.50
CA GLN A 132 12.52 18.59 -2.93
C GLN A 132 13.93 18.39 -3.44
N GLN A 133 14.61 19.49 -3.74
CA GLN A 133 15.98 19.44 -4.24
C GLN A 133 16.91 18.74 -3.26
N LYS A 134 16.65 18.86 -1.96
CA LYS A 134 17.47 18.26 -0.91
C LYS A 134 17.10 16.80 -0.61
N ALA A 135 16.15 16.23 -1.36
CA ALA A 135 15.66 14.90 -1.04
C ALA A 135 16.78 13.86 -1.09
N ILE A 136 16.68 12.87 -0.21
CA ILE A 136 17.61 11.76 -0.19
C ILE A 136 16.91 10.50 -0.65
N SER A 137 17.69 9.50 -1.05
CA SER A 137 17.18 8.19 -1.42
C SER A 137 17.12 7.27 -0.20
N ILE A 138 16.45 6.13 -0.37
CA ILE A 138 16.48 5.09 0.66
C ILE A 138 17.91 4.65 0.93
N GLU A 139 18.70 4.45 -0.13
CA GLU A 139 20.10 4.03 0.04
C GLU A 139 20.87 5.04 0.87
N LYS A 140 20.72 6.33 0.57
CA LYS A 140 21.31 7.38 1.39
C LYS A 140 20.80 7.30 2.82
N LEU A 141 19.48 7.15 2.99
CA LEU A 141 18.89 7.01 4.31
C LEU A 141 19.59 5.90 5.09
N LYS A 142 19.75 4.73 4.46
CA LYS A 142 20.49 3.64 5.08
C LYS A 142 21.85 4.10 5.58
N GLU A 143 22.56 4.90 4.77
CA GLU A 143 23.92 5.32 5.13
C GLU A 143 23.92 6.25 6.34
N ILE A 144 23.01 7.24 6.36
CA ILE A 144 23.04 8.25 7.41
C ILE A 144 22.33 7.81 8.67
N ALA A 145 21.83 6.57 8.72
CA ALA A 145 20.94 6.12 9.80
C ALA A 145 21.76 5.48 10.91
N ASP A 146 22.28 6.29 11.83
CA ASP A 146 23.06 5.80 12.95
C ASP A 146 22.25 5.73 14.25
N ARG A 147 20.94 5.97 14.18
N ARG A 147 20.94 5.97 14.18
CA ARG A 147 20.11 5.98 15.38
CA ARG A 147 20.10 5.97 15.38
C ARG A 147 18.66 5.67 14.98
C ARG A 147 18.65 5.69 14.97
N PRO A 148 17.71 5.61 15.92
CA PRO A 148 16.32 5.37 15.53
C PRO A 148 15.80 6.39 14.51
N ILE A 149 14.88 5.92 13.68
CA ILE A 149 14.34 6.72 12.58
C ILE A 149 12.85 6.91 12.80
N LEU A 150 12.38 8.15 12.66
CA LEU A 150 10.96 8.45 12.69
C LEU A 150 10.53 8.90 11.31
N LEU A 151 9.66 8.12 10.67
CA LEU A 151 9.15 8.42 9.34
C LEU A 151 7.80 9.09 9.50
N LEU A 152 7.64 10.26 8.84
CA LEU A 152 6.43 11.06 8.94
C LEU A 152 5.62 10.93 7.66
N PHE A 153 4.33 10.66 7.80
CA PHE A 153 3.42 10.64 6.65
C PHE A 153 2.28 11.61 6.90
N GLY A 154 1.81 12.25 5.82
CA GLY A 154 0.75 13.23 5.91
C GLY A 154 -0.60 12.69 5.46
N THR A 155 -1.60 13.56 5.57
CA THR A 155 -2.95 13.28 5.05
C THR A 155 -3.39 14.51 4.25
N GLY A 156 -4.64 14.47 3.80
CA GLY A 156 -5.12 15.52 2.91
C GLY A 156 -4.24 15.57 1.67
N TRP A 157 -3.68 16.75 1.41
CA TRP A 157 -2.79 16.96 0.25
C TRP A 157 -1.33 17.06 0.66
N GLY A 158 -0.97 16.55 1.83
CA GLY A 158 0.42 16.46 2.23
C GLY A 158 0.83 17.55 3.19
N PHE A 159 2.08 17.49 3.61
CA PHE A 159 2.58 18.46 4.56
C PHE A 159 2.63 19.84 3.95
N VAL A 160 2.44 20.85 4.80
CA VAL A 160 2.79 22.21 4.41
C VAL A 160 4.31 22.31 4.34
N ASP A 161 4.83 23.34 3.69
CA ASP A 161 6.27 23.47 3.49
C ASP A 161 7.04 23.55 4.79
N ASP A 162 6.38 23.91 5.90
CA ASP A 162 7.09 24.08 7.16
C ASP A 162 7.65 22.75 7.66
N ILE A 163 6.85 21.68 7.58
CA ILE A 163 7.31 20.38 8.07
C ILE A 163 8.47 19.87 7.23
N LEU A 164 8.38 20.01 5.91
CA LEU A 164 9.48 19.58 5.05
C LEU A 164 10.75 20.37 5.34
N GLU A 165 10.61 21.67 5.63
CA GLU A 165 11.76 22.47 6.04
C GLU A 165 12.31 22.00 7.38
N PHE A 166 11.42 21.63 8.31
CA PHE A 166 11.82 21.33 9.68
C PHE A 166 12.49 19.97 9.80
N ALA A 167 12.12 19.01 8.96
CA ALA A 167 12.62 17.65 9.09
C ALA A 167 14.14 17.61 8.91
N ASP A 168 14.77 16.64 9.57
CA ASP A 168 16.19 16.37 9.32
C ASP A 168 16.43 16.05 7.84
N TYR A 169 15.62 15.13 7.29
CA TYR A 169 15.71 14.76 5.90
C TYR A 169 14.30 14.61 5.34
N VAL A 170 14.21 14.69 4.02
CA VAL A 170 12.98 14.41 3.28
C VAL A 170 13.31 13.36 2.22
N LEU A 171 12.44 12.37 2.07
CA LEU A 171 12.69 11.28 1.15
C LEU A 171 12.26 11.68 -0.27
N LYS A 172 13.06 11.26 -1.24
CA LYS A 172 12.64 11.34 -2.64
C LYS A 172 11.26 10.73 -2.80
N PRO A 173 10.36 11.36 -3.54
CA PRO A 173 9.00 10.83 -3.68
C PRO A 173 9.04 9.50 -4.41
N ILE A 174 7.97 8.72 -4.22
CA ILE A 174 7.74 7.55 -5.05
C ILE A 174 7.35 8.02 -6.43
N HIS A 175 8.12 7.62 -7.44
CA HIS A 175 7.91 8.00 -8.82
C HIS A 175 7.62 6.77 -9.66
N GLY A 176 6.63 6.87 -10.53
CA GLY A 176 6.28 5.75 -11.40
C GLY A 176 6.44 6.09 -12.87
N VAL A 177 5.34 6.42 -13.53
CA VAL A 177 5.36 6.60 -14.98
C VAL A 177 5.71 8.03 -15.40
N GLY A 178 5.38 9.04 -14.60
CA GLY A 178 5.86 10.40 -14.79
C GLY A 178 4.76 11.44 -14.89
N ASP A 179 3.56 11.03 -15.30
CA ASP A 179 2.43 11.95 -15.37
C ASP A 179 1.42 11.71 -14.25
N PHE A 180 1.77 10.88 -13.25
CA PHE A 180 0.85 10.57 -12.16
C PHE A 180 1.63 9.89 -11.04
N ASN A 181 1.41 10.35 -9.80
CA ASN A 181 2.06 9.70 -8.64
C ASN A 181 1.21 9.92 -7.37
N HIS A 182 -0.09 10.17 -7.53
CA HIS A 182 -1.01 10.45 -6.40
C HIS A 182 -1.43 9.15 -5.72
N LEU A 183 -0.58 8.60 -4.90
CA LEU A 183 -0.97 7.38 -4.19
C LEU A 183 -1.74 7.79 -2.93
N SER A 184 -2.43 6.82 -2.32
CA SER A 184 -2.93 6.96 -0.97
C SER A 184 -1.75 6.90 0.00
N VAL A 185 -1.95 7.39 1.21
CA VAL A 185 -0.87 7.36 2.19
C VAL A 185 -0.66 5.94 2.68
N ARG A 186 -1.73 5.13 2.73
CA ARG A 186 -1.57 3.73 3.10
C ARG A 186 -0.59 3.04 2.16
N SER A 187 -0.75 3.25 0.87
CA SER A 187 0.13 2.68 -0.13
C SER A 187 1.53 3.29 -0.15
N ALA A 188 1.70 4.57 0.21
CA ALA A 188 3.04 5.12 0.31
C ALA A 188 3.80 4.51 1.49
N VAL A 189 3.10 4.27 2.61
CA VAL A 189 3.75 3.64 3.76
C VAL A 189 4.22 2.23 3.40
N ALA A 190 3.34 1.45 2.76
CA ALA A 190 3.72 0.09 2.36
C ALA A 190 4.99 0.10 1.52
N ILE A 191 5.02 0.95 0.48
CA ILE A 191 6.15 0.94 -0.45
C ILE A 191 7.44 1.36 0.24
N TYR A 192 7.40 2.42 1.06
CA TYR A 192 8.62 2.88 1.72
C TYR A 192 9.13 1.86 2.73
N LEU A 193 8.22 1.20 3.47
CA LEU A 193 8.66 0.18 4.41
C LEU A 193 9.28 -1.01 3.69
N ASP A 194 8.70 -1.41 2.55
CA ASP A 194 9.29 -2.50 1.77
C ASP A 194 10.66 -2.11 1.24
N ARG A 195 10.76 -0.91 0.64
CA ARG A 195 12.03 -0.42 0.12
C ARG A 195 13.11 -0.43 1.19
N ILE A 196 12.76 0.00 2.41
CA ILE A 196 13.76 0.09 3.47
C ILE A 196 14.16 -1.30 3.92
N ASN A 197 13.17 -2.17 4.13
CA ASN A 197 13.45 -3.56 4.45
C ASN A 197 14.39 -4.18 3.42
N ARG A 198 14.03 -4.09 2.14
CA ARG A 198 14.87 -4.67 1.09
C ARG A 198 16.27 -4.08 1.11
N SER A 199 16.40 -2.77 1.38
CA SER A 199 17.73 -2.16 1.31
C SER A 199 18.65 -2.68 2.40
N PHE A 200 18.12 -3.04 3.57
CA PHE A 200 18.92 -3.73 4.57
C PHE A 200 19.08 -5.23 4.26
N GLN A 201 18.62 -5.68 3.09
CA GLN A 201 18.86 -7.04 2.62
C GLN A 201 19.58 -7.05 1.27
N GLU A 202 20.23 -5.96 0.89
CA GLU A 202 20.88 -5.87 -0.42
C GLU A 202 21.94 -4.77 -0.45
N TYR B 19 7.08 -5.59 -21.47
CA TYR B 19 5.73 -6.03 -21.82
C TYR B 19 4.66 -5.29 -21.01
N ASN B 20 3.45 -5.24 -21.55
CA ASN B 20 2.33 -4.60 -20.87
C ASN B 20 1.89 -5.39 -19.65
N ILE B 21 1.49 -4.67 -18.60
CA ILE B 21 1.09 -5.24 -17.32
C ILE B 21 -0.36 -4.83 -17.05
N TYR B 22 -1.18 -5.81 -16.70
CA TYR B 22 -2.55 -5.61 -16.26
C TYR B 22 -2.69 -6.13 -14.84
N VAL B 23 -3.61 -5.54 -14.09
CA VAL B 23 -3.87 -5.91 -12.71
C VAL B 23 -5.36 -6.26 -12.61
N ALA B 24 -5.66 -7.43 -12.03
CA ALA B 24 -7.05 -7.84 -11.80
C ALA B 24 -7.26 -8.06 -10.31
N LEU B 25 -8.32 -7.46 -9.78
CA LEU B 25 -8.77 -7.67 -8.40
C LEU B 25 -10.00 -8.57 -8.44
N MET B 26 -9.87 -9.76 -7.86
CA MET B 26 -10.87 -10.79 -8.01
C MET B 26 -11.60 -11.03 -6.70
N HIS B 27 -12.90 -11.27 -6.81
CA HIS B 27 -13.75 -11.45 -5.64
C HIS B 27 -14.33 -12.86 -5.58
N TYR B 28 -13.85 -13.75 -6.47
CA TYR B 28 -14.17 -15.16 -6.55
C TYR B 28 -13.02 -15.83 -7.29
N PRO B 29 -12.57 -17.03 -6.89
CA PRO B 29 -13.00 -17.79 -5.71
C PRO B 29 -12.05 -17.61 -4.54
N MET B 30 -12.55 -17.01 -3.48
CA MET B 30 -11.79 -16.75 -2.26
C MET B 30 -12.14 -17.78 -1.20
N ARG B 31 -11.27 -17.87 -0.19
CA ARG B 31 -11.55 -18.59 1.04
C ARG B 31 -12.27 -17.69 2.04
N ASP B 32 -13.11 -18.30 2.87
CA ASP B 32 -13.52 -17.64 4.10
C ASP B 32 -12.60 -18.13 5.24
N LYS B 33 -12.86 -17.64 6.45
CA LYS B 33 -12.09 -18.04 7.63
C LYS B 33 -11.99 -19.55 7.75
N GLU B 34 -13.09 -20.24 7.48
CA GLU B 34 -13.13 -21.70 7.54
C GLU B 34 -12.57 -22.35 6.29
N GLY B 35 -12.00 -21.57 5.36
CA GLY B 35 -11.43 -22.11 4.15
C GLY B 35 -12.42 -22.51 3.07
N LYS B 36 -13.71 -22.22 3.27
CA LYS B 36 -14.70 -22.57 2.26
C LYS B 36 -14.72 -21.51 1.16
N VAL B 37 -15.07 -21.93 -0.06
CA VAL B 37 -15.08 -20.98 -1.16
C VAL B 37 -16.21 -19.98 -0.97
N VAL B 38 -15.91 -18.71 -1.23
CA VAL B 38 -16.85 -17.61 -1.12
C VAL B 38 -16.65 -16.64 -2.27
N THR B 39 -17.70 -15.86 -2.54
CA THR B 39 -17.62 -14.63 -3.31
C THR B 39 -17.65 -13.45 -2.34
N THR B 40 -16.73 -12.51 -2.53
CA THR B 40 -16.70 -11.33 -1.66
C THR B 40 -17.44 -10.17 -2.31
N SER B 41 -17.82 -9.21 -1.48
CA SER B 41 -18.39 -7.96 -1.95
C SER B 41 -17.29 -6.93 -2.20
N ILE B 42 -17.58 -5.98 -3.09
CA ILE B 42 -16.62 -4.95 -3.45
C ILE B 42 -16.38 -4.01 -2.29
N THR B 43 -15.12 -3.72 -1.99
CA THR B 43 -14.76 -2.65 -1.07
C THR B 43 -14.47 -1.40 -1.88
N ASN B 44 -15.15 -0.29 -1.52
CA ASN B 44 -15.05 0.94 -2.30
C ASN B 44 -13.60 1.38 -2.47
N MET B 45 -12.82 1.34 -1.39
CA MET B 45 -11.47 1.87 -1.47
C MET B 45 -10.58 1.03 -2.36
N ASP B 46 -10.89 -0.25 -2.54
CA ASP B 46 -10.12 -1.07 -3.47
C ASP B 46 -10.23 -0.56 -4.89
N LEU B 47 -11.35 0.09 -5.22
CA LEU B 47 -11.51 0.71 -6.54
C LEU B 47 -10.61 1.93 -6.67
N HIS B 48 -10.70 2.86 -5.72
CA HIS B 48 -9.97 4.13 -5.81
C HIS B 48 -8.48 3.95 -5.61
N ASP B 49 -8.10 3.26 -4.53
CA ASP B 49 -6.70 3.12 -4.16
C ASP B 49 -5.91 2.33 -5.21
N ILE B 50 -6.41 1.16 -5.62
CA ILE B 50 -5.63 0.35 -6.56
C ILE B 50 -5.55 1.03 -7.94
N SER B 51 -6.63 1.66 -8.37
CA SER B 51 -6.56 2.43 -9.62
CA SER B 51 -6.56 2.43 -9.62
C SER B 51 -5.44 3.45 -9.57
N ARG B 52 -5.25 4.10 -8.42
CA ARG B 52 -4.18 5.10 -8.31
C ARG B 52 -2.80 4.45 -8.38
N SER B 53 -2.62 3.32 -7.70
CA SER B 53 -1.35 2.62 -7.79
C SER B 53 -1.13 2.10 -9.20
N CYS B 54 -2.17 1.56 -9.83
CA CYS B 54 -2.03 1.11 -11.21
C CYS B 54 -1.56 2.24 -12.11
N ARG B 55 -2.21 3.40 -12.03
CA ARG B 55 -1.85 4.51 -12.91
C ARG B 55 -0.47 5.08 -12.57
N THR B 56 -0.10 5.10 -11.30
CA THR B 56 1.22 5.59 -10.94
C THR B 56 2.33 4.80 -11.61
N PHE B 57 2.16 3.49 -11.75
CA PHE B 57 3.22 2.64 -12.23
C PHE B 57 2.99 2.13 -13.65
N GLY B 58 2.02 2.69 -14.37
CA GLY B 58 1.92 2.42 -15.79
C GLY B 58 1.19 1.15 -16.17
N VAL B 59 0.45 0.56 -15.23
CA VAL B 59 -0.44 -0.54 -15.56
C VAL B 59 -1.41 -0.12 -16.66
N LYS B 60 -1.63 -0.99 -17.64
CA LYS B 60 -2.42 -0.62 -18.81
C LYS B 60 -3.92 -0.53 -18.51
N ASN B 61 -4.47 -1.50 -17.77
CA ASN B 61 -5.86 -1.47 -17.33
C ASN B 61 -5.97 -2.15 -15.97
N TYR B 62 -6.97 -1.76 -15.21
CA TYR B 62 -7.25 -2.33 -13.90
C TYR B 62 -8.61 -3.02 -13.99
N PHE B 63 -8.61 -4.34 -13.84
CA PHE B 63 -9.82 -5.15 -13.90
C PHE B 63 -10.35 -5.41 -12.49
N VAL B 64 -11.65 -5.19 -12.31
CA VAL B 64 -12.35 -5.51 -11.07
C VAL B 64 -13.34 -6.61 -11.38
N VAL B 65 -13.09 -7.80 -10.82
CA VAL B 65 -13.75 -9.05 -11.23
C VAL B 65 -14.67 -9.53 -10.12
N ASN B 66 -15.98 -9.45 -10.36
CA ASN B 66 -16.95 -9.97 -9.40
C ASN B 66 -18.08 -10.65 -10.17
N PRO B 67 -18.39 -11.91 -9.85
CA PRO B 67 -19.44 -12.63 -10.58
C PRO B 67 -20.86 -12.24 -10.19
N MET B 68 -21.04 -11.30 -9.25
CA MET B 68 -22.36 -10.92 -8.78
C MET B 68 -22.82 -9.66 -9.48
N PRO B 69 -23.86 -9.72 -10.33
CA PRO B 69 -24.30 -8.51 -11.04
C PRO B 69 -24.54 -7.30 -10.15
N ALA B 70 -25.13 -7.52 -8.97
CA ALA B 70 -25.39 -6.41 -8.06
C ALA B 70 -24.09 -5.74 -7.64
N GLN B 71 -23.04 -6.52 -7.36
CA GLN B 71 -21.75 -5.95 -6.97
C GLN B 71 -21.14 -5.15 -8.12
N ARG B 72 -21.26 -5.67 -9.34
CA ARG B 72 -20.70 -4.96 -10.49
C ARG B 72 -21.41 -3.62 -10.69
N GLU B 73 -22.71 -3.57 -10.42
CA GLU B 73 -23.45 -2.33 -10.54
C GLU B 73 -23.06 -1.33 -9.46
N ILE B 74 -22.79 -1.81 -8.25
CA ILE B 74 -22.31 -0.93 -7.19
C ILE B 74 -20.97 -0.32 -7.58
N ALA B 75 -20.05 -1.14 -8.09
CA ALA B 75 -18.72 -0.67 -8.44
C ALA B 75 -18.76 0.32 -9.60
N SER B 76 -19.64 0.07 -10.59
CA SER B 76 -19.77 1.01 -11.69
C SER B 76 -20.19 2.38 -11.20
N ARG B 77 -21.22 2.42 -10.34
CA ARG B 77 -21.71 3.69 -9.82
C ARG B 77 -20.60 4.45 -9.10
N VAL B 78 -19.83 3.77 -8.25
CA VAL B 78 -18.71 4.41 -7.57
C VAL B 78 -17.74 4.99 -8.59
N VAL B 79 -17.30 4.17 -9.54
CA VAL B 79 -16.36 4.62 -10.56
C VAL B 79 -16.96 5.75 -11.39
N ARG B 80 -18.24 5.62 -11.75
CA ARG B 80 -18.87 6.62 -12.60
C ARG B 80 -18.89 7.99 -11.93
N HIS B 81 -19.18 8.04 -10.63
CA HIS B 81 -19.19 9.32 -9.94
C HIS B 81 -17.77 9.82 -9.68
N TRP B 82 -16.88 8.93 -9.24
CA TRP B 82 -15.50 9.31 -8.94
C TRP B 82 -14.80 9.98 -10.12
N ILE B 83 -15.36 9.89 -11.31
CA ILE B 83 -14.81 10.58 -12.47
C ILE B 83 -15.12 12.07 -12.36
N PHE B 98 -13.35 7.46 -18.24
CA PHE B 98 -12.15 6.63 -18.29
C PHE B 98 -12.50 5.17 -18.64
N GLU B 99 -11.86 4.66 -19.68
CA GLU B 99 -11.90 3.24 -19.98
C GLU B 99 -10.88 2.46 -19.18
N TYR B 100 -10.30 3.09 -18.15
CA TYR B 100 -9.11 2.56 -17.51
C TYR B 100 -9.44 1.40 -16.57
N THR B 101 -10.41 1.61 -15.69
CA THR B 101 -10.88 0.60 -14.76
C THR B 101 -12.03 -0.16 -15.39
N ILE B 102 -11.89 -1.47 -15.51
CA ILE B 102 -12.85 -2.31 -16.23
C ILE B 102 -13.53 -3.22 -15.22
N ILE B 103 -14.85 -3.07 -15.09
CA ILE B 103 -15.63 -3.89 -14.18
C ILE B 103 -16.17 -5.08 -14.97
N THR B 104 -15.83 -6.30 -14.54
CA THR B 104 -16.22 -7.48 -15.30
C THR B 104 -16.59 -8.60 -14.34
N ASP B 105 -17.03 -9.73 -14.90
CA ASP B 105 -17.60 -10.82 -14.12
C ASP B 105 -16.65 -11.96 -13.82
N SER B 106 -15.70 -12.27 -14.72
CA SER B 106 -14.90 -13.47 -14.57
C SER B 106 -13.51 -13.28 -15.11
N LEU B 107 -12.59 -14.09 -14.57
CA LEU B 107 -11.22 -14.14 -15.09
C LEU B 107 -11.20 -14.52 -16.56
N ALA B 108 -12.07 -15.45 -16.98
CA ALA B 108 -12.18 -15.75 -18.39
C ALA B 108 -12.45 -14.49 -19.20
N SER B 109 -13.33 -13.62 -18.68
CA SER B 109 -13.64 -12.37 -19.37
C SER B 109 -12.46 -11.40 -19.37
N VAL B 110 -11.65 -11.42 -18.31
CA VAL B 110 -10.45 -10.59 -18.27
C VAL B 110 -9.47 -11.04 -19.35
N ILE B 111 -9.23 -12.34 -19.44
CA ILE B 111 -8.30 -12.88 -20.44
C ILE B 111 -8.76 -12.49 -21.84
N LYS B 112 -10.06 -12.59 -22.11
CA LYS B 112 -10.56 -12.24 -23.44
C LYS B 112 -10.32 -10.78 -23.76
N SER B 113 -10.50 -9.90 -22.77
CA SER B 113 -10.27 -8.48 -22.98
C SER B 113 -8.81 -8.18 -23.32
N ILE B 114 -7.88 -8.82 -22.62
CA ILE B 114 -6.46 -8.59 -22.87
C ILE B 114 -6.04 -9.15 -24.23
N GLU B 115 -6.63 -10.28 -24.64
CA GLU B 115 -6.31 -10.85 -25.95
C GLU B 115 -6.78 -9.92 -27.07
N GLU B 116 -7.90 -9.23 -26.88
CA GLU B 116 -8.35 -8.26 -27.88
C GLU B 116 -7.50 -7.00 -27.87
N LYS B 117 -6.93 -6.63 -26.72
CA LYS B 117 -6.09 -5.44 -26.65
C LYS B 117 -4.66 -5.72 -27.15
N GLU B 118 -4.16 -6.93 -26.94
CA GLU B 118 -2.75 -7.25 -27.16
C GLU B 118 -2.50 -8.18 -28.34
N SER B 119 -3.54 -8.86 -28.85
CA SER B 119 -3.36 -9.93 -29.85
C SER B 119 -2.41 -11.00 -29.33
N GLY B 120 -2.53 -11.31 -28.03
CA GLY B 120 -1.68 -12.25 -27.35
C GLY B 120 -2.25 -12.59 -25.99
N SER B 121 -2.04 -13.82 -25.51
CA SER B 121 -2.63 -14.22 -24.25
C SER B 121 -1.69 -13.90 -23.09
N PRO B 122 -2.19 -13.29 -22.03
CA PRO B 122 -1.30 -12.90 -20.93
C PRO B 122 -0.78 -14.12 -20.18
N ILE B 123 0.40 -13.94 -19.60
CA ILE B 123 0.91 -14.83 -18.55
C ILE B 123 0.11 -14.57 -17.28
N ILE B 124 -0.49 -15.62 -16.72
CA ILE B 124 -1.40 -15.48 -15.58
C ILE B 124 -0.61 -15.68 -14.30
N ILE B 125 -0.46 -14.61 -13.52
CA ILE B 125 0.38 -14.60 -12.33
C ILE B 125 -0.49 -14.32 -11.12
N ALA B 126 -0.51 -15.24 -10.16
CA ALA B 126 -1.30 -15.07 -8.95
C ALA B 126 -0.40 -14.63 -7.82
N THR B 127 -1.01 -14.08 -6.77
CA THR B 127 -0.30 -13.55 -5.62
C THR B 127 -0.89 -14.15 -4.36
N THR B 128 -0.03 -14.31 -3.35
CA THR B 128 -0.48 -14.85 -2.08
C THR B 128 0.56 -14.51 -1.01
N ALA B 129 0.11 -14.33 0.23
CA ALA B 129 1.04 -14.28 1.35
C ALA B 129 1.61 -15.65 1.71
N ARG B 130 1.09 -16.71 1.10
CA ARG B 130 1.45 -18.08 1.46
C ARG B 130 2.64 -18.57 0.64
N TYR B 131 3.46 -19.40 1.29
CA TYR B 131 4.64 -20.01 0.65
C TYR B 131 4.26 -20.96 -0.48
N GLN B 132 4.95 -20.83 -1.60
CA GLN B 132 4.82 -21.77 -2.70
C GLN B 132 6.24 -22.06 -3.19
N GLN B 133 6.64 -23.33 -3.18
CA GLN B 133 8.01 -23.66 -3.60
C GLN B 133 8.27 -23.25 -5.04
N LYS B 134 7.25 -23.36 -5.89
CA LYS B 134 7.40 -22.99 -7.29
C LYS B 134 7.39 -21.49 -7.52
N ALA B 135 7.30 -20.67 -6.47
CA ALA B 135 7.07 -19.24 -6.67
C ALA B 135 8.32 -18.56 -7.21
N ILE B 136 8.12 -17.57 -8.09
CA ILE B 136 9.22 -16.87 -8.72
C ILE B 136 9.34 -15.46 -8.14
N SER B 137 10.55 -14.91 -8.23
CA SER B 137 10.81 -13.55 -7.81
C SER B 137 10.45 -12.56 -8.92
N ILE B 138 10.43 -11.27 -8.55
CA ILE B 138 10.16 -10.20 -9.51
C ILE B 138 11.23 -10.19 -10.60
N GLU B 139 12.50 -10.38 -10.22
CA GLU B 139 13.57 -10.48 -11.19
C GLU B 139 13.33 -11.63 -12.17
N LYS B 140 12.94 -12.80 -11.64
CA LYS B 140 12.66 -13.93 -12.53
C LYS B 140 11.47 -13.64 -13.43
N LEU B 141 10.48 -12.91 -12.92
CA LEU B 141 9.36 -12.49 -13.77
C LEU B 141 9.85 -11.69 -14.96
N LYS B 142 10.78 -10.75 -14.72
CA LYS B 142 11.34 -9.96 -15.81
C LYS B 142 11.97 -10.84 -16.88
N GLU B 143 12.73 -11.86 -16.47
CA GLU B 143 13.49 -12.67 -17.41
C GLU B 143 12.61 -13.61 -18.22
N ILE B 144 11.54 -14.13 -17.61
CA ILE B 144 10.67 -15.10 -18.27
C ILE B 144 9.50 -14.46 -19.02
N ALA B 145 9.42 -13.13 -19.04
CA ALA B 145 8.22 -12.43 -19.51
C ALA B 145 8.31 -12.23 -21.01
N ASP B 146 7.74 -13.16 -21.76
CA ASP B 146 7.75 -13.11 -23.23
C ASP B 146 6.43 -12.59 -23.82
N ARG B 147 5.50 -12.12 -22.98
CA ARG B 147 4.21 -11.61 -23.46
C ARG B 147 3.54 -10.78 -22.35
N PRO B 148 2.33 -10.24 -22.54
CA PRO B 148 1.75 -9.40 -21.48
C PRO B 148 1.55 -10.18 -20.19
N ILE B 149 1.58 -9.45 -19.09
CA ILE B 149 1.49 -10.01 -17.75
C ILE B 149 0.15 -9.61 -17.13
N LEU B 150 -0.57 -10.60 -16.59
CA LEU B 150 -1.80 -10.33 -15.83
C LEU B 150 -1.54 -10.75 -14.38
N LEU B 151 -1.48 -9.77 -13.48
CA LEU B 151 -1.27 -10.03 -12.06
C LEU B 151 -2.64 -10.17 -11.39
N LEU B 152 -2.83 -11.23 -10.62
CA LEU B 152 -4.09 -11.50 -9.94
C LEU B 152 -3.95 -11.25 -8.46
N PHE B 153 -4.88 -10.48 -7.91
CA PHE B 153 -4.92 -10.19 -6.49
C PHE B 153 -6.27 -10.63 -5.94
N GLY B 154 -6.25 -11.23 -4.76
CA GLY B 154 -7.45 -11.73 -4.14
C GLY B 154 -8.04 -10.74 -3.13
N THR B 155 -9.17 -11.15 -2.57
CA THR B 155 -9.84 -10.41 -1.51
C THR B 155 -10.20 -11.39 -0.41
N GLY B 156 -10.89 -10.89 0.61
CA GLY B 156 -11.23 -11.76 1.72
C GLY B 156 -9.98 -12.38 2.31
N TRP B 157 -10.03 -13.69 2.56
CA TRP B 157 -8.88 -14.44 3.05
C TRP B 157 -7.98 -14.94 1.93
N GLY B 158 -8.14 -14.43 0.71
CA GLY B 158 -7.25 -14.79 -0.38
C GLY B 158 -7.78 -15.94 -1.20
N PHE B 159 -7.02 -16.29 -2.24
CA PHE B 159 -7.43 -17.27 -3.25
C PHE B 159 -7.57 -18.66 -2.64
N VAL B 160 -8.53 -19.42 -3.17
CA VAL B 160 -8.48 -20.87 -3.00
C VAL B 160 -7.23 -21.42 -3.69
N ASP B 161 -6.80 -22.60 -3.22
CA ASP B 161 -5.60 -23.26 -3.75
C ASP B 161 -5.68 -23.49 -5.26
N ASP B 162 -6.88 -23.68 -5.80
CA ASP B 162 -7.02 -24.00 -7.21
C ASP B 162 -6.45 -22.89 -8.09
N ILE B 163 -6.69 -21.62 -7.71
CA ILE B 163 -6.12 -20.51 -8.45
C ILE B 163 -4.60 -20.62 -8.46
N LEU B 164 -4.00 -20.86 -7.29
CA LEU B 164 -2.54 -20.92 -7.19
C LEU B 164 -1.97 -22.07 -8.00
N GLU B 165 -2.67 -23.21 -8.02
CA GLU B 165 -2.20 -24.35 -8.80
C GLU B 165 -2.31 -24.09 -10.29
N PHE B 166 -3.42 -23.49 -10.73
CA PHE B 166 -3.66 -23.33 -12.16
C PHE B 166 -2.87 -22.19 -12.79
N ALA B 167 -2.48 -21.18 -12.01
CA ALA B 167 -1.84 -20.02 -12.61
C ALA B 167 -0.54 -20.42 -13.31
N ASP B 168 -0.15 -19.63 -14.31
CA ASP B 168 1.13 -19.87 -14.98
C ASP B 168 2.29 -19.76 -13.99
N TYR B 169 2.31 -18.69 -13.20
CA TYR B 169 3.28 -18.52 -12.13
C TYR B 169 2.58 -17.97 -10.89
N VAL B 170 3.19 -18.19 -9.73
CA VAL B 170 2.88 -17.46 -8.50
C VAL B 170 4.11 -16.64 -8.14
N LEU B 171 3.91 -15.39 -7.71
CA LEU B 171 5.00 -14.58 -7.20
C LEU B 171 5.37 -14.99 -5.77
N LYS B 172 6.64 -14.83 -5.43
CA LYS B 172 7.02 -15.03 -4.04
C LYS B 172 6.29 -14.00 -3.17
N PRO B 173 5.86 -14.38 -1.97
CA PRO B 173 5.06 -13.47 -1.16
C PRO B 173 5.88 -12.28 -0.67
N ILE B 174 5.18 -11.19 -0.38
CA ILE B 174 5.83 -10.10 0.34
C ILE B 174 6.03 -10.57 1.77
N HIS B 175 7.27 -10.62 2.21
CA HIS B 175 7.58 -10.80 3.62
C HIS B 175 8.31 -9.59 4.16
N GLY B 176 8.13 -9.36 5.47
CA GLY B 176 8.91 -8.38 6.18
C GLY B 176 9.84 -9.05 7.18
N VAL B 177 9.69 -8.76 8.47
CA VAL B 177 10.67 -9.18 9.47
C VAL B 177 10.34 -10.53 10.07
N GLY B 178 9.08 -10.78 10.41
CA GLY B 178 8.72 -12.02 11.07
C GLY B 178 7.65 -12.77 10.32
N ASP B 179 6.82 -13.47 11.09
CA ASP B 179 5.80 -14.35 10.54
C ASP B 179 4.65 -13.57 9.96
N PHE B 180 4.31 -12.43 10.56
CA PHE B 180 3.16 -11.67 10.12
C PHE B 180 3.46 -11.01 8.77
N ASN B 181 2.60 -11.27 7.76
CA ASN B 181 2.71 -10.56 6.49
C ASN B 181 1.33 -10.32 5.86
N HIS B 182 0.29 -10.16 6.68
CA HIS B 182 -1.07 -10.06 6.17
C HIS B 182 -1.40 -8.58 5.91
N LEU B 183 -0.98 -8.14 4.75
CA LEU B 183 -1.22 -6.82 4.22
C LEU B 183 -2.58 -6.76 3.56
N SER B 184 -3.13 -5.56 3.49
CA SER B 184 -4.30 -5.35 2.65
C SER B 184 -3.93 -5.61 1.21
N VAL B 185 -4.93 -5.95 0.39
CA VAL B 185 -4.65 -6.14 -1.02
C VAL B 185 -4.20 -4.84 -1.68
N ARG B 186 -4.63 -3.69 -1.14
CA ARG B 186 -4.19 -2.40 -1.67
C ARG B 186 -2.70 -2.21 -1.47
N SER B 187 -2.19 -2.55 -0.28
CA SER B 187 -0.76 -2.42 -0.01
C SER B 187 0.07 -3.43 -0.77
N ALA B 188 -0.44 -4.66 -0.93
CA ALA B 188 0.27 -5.66 -1.71
C ALA B 188 0.44 -5.23 -3.15
N VAL B 189 -0.63 -4.65 -3.74
CA VAL B 189 -0.51 -4.13 -5.11
C VAL B 189 0.55 -3.05 -5.19
N ALA B 190 0.48 -2.06 -4.30
CA ALA B 190 1.44 -0.96 -4.36
C ALA B 190 2.87 -1.49 -4.35
N ILE B 191 3.14 -2.42 -3.42
CA ILE B 191 4.50 -2.95 -3.24
C ILE B 191 4.96 -3.72 -4.47
N TYR B 192 4.12 -4.63 -4.96
CA TYR B 192 4.54 -5.40 -6.14
C TYR B 192 4.80 -4.49 -7.33
N LEU B 193 3.91 -3.52 -7.58
CA LEU B 193 4.12 -2.62 -8.72
C LEU B 193 5.37 -1.79 -8.53
N ASP B 194 5.67 -1.38 -7.30
CA ASP B 194 6.93 -0.68 -7.04
C ASP B 194 8.12 -1.56 -7.37
N ARG B 195 8.12 -2.82 -6.88
CA ARG B 195 9.23 -3.72 -7.12
C ARG B 195 9.42 -3.96 -8.61
N ILE B 196 8.32 -4.15 -9.33
CA ILE B 196 8.40 -4.34 -10.77
C ILE B 196 9.03 -3.11 -11.42
N ASN B 197 8.71 -1.92 -10.91
CA ASN B 197 9.26 -0.70 -11.46
C ASN B 197 10.74 -0.58 -11.16
N ARG B 198 11.13 -0.82 -9.91
CA ARG B 198 12.55 -0.79 -9.55
C ARG B 198 13.36 -1.73 -10.45
N SER B 199 12.86 -2.94 -10.69
CA SER B 199 13.65 -3.95 -11.39
C SER B 199 13.93 -3.57 -12.84
N PHE B 200 13.03 -2.83 -13.48
CA PHE B 200 13.30 -2.30 -14.82
C PHE B 200 14.01 -0.95 -14.74
N SAM C . 0.66 15.82 -2.85
CA SAM C . 0.59 15.31 -1.45
C SAM C . 1.99 15.12 -0.87
O SAM C . 2.54 14.06 -1.09
OXT SAM C . 2.47 16.02 -0.22
CB SAM C . -0.20 14.00 -1.41
CG SAM C . -1.00 13.76 -0.16
SD SAM C . -1.12 11.98 0.03
CE SAM C . -2.82 11.61 -0.22
C5' SAM C . -0.90 11.83 1.78
C4' SAM C . 0.49 11.32 2.08
O4' SAM C . 0.81 10.19 1.25
C3' SAM C . 1.62 12.28 1.83
O3' SAM C . 1.70 13.15 2.93
C2' SAM C . 2.80 11.31 1.79
O2' SAM C . 3.18 10.96 3.09
C1' SAM C . 2.19 10.09 1.10
N9 SAM C . 2.46 9.97 -0.32
C8 SAM C . 1.53 9.89 -1.30
N7 SAM C . 2.03 9.78 -2.50
C5 SAM C . 3.40 9.79 -2.29
C6 SAM C . 4.48 9.73 -3.17
N6 SAM C . 4.35 9.63 -4.47
N1 SAM C . 5.72 9.78 -2.63
C2 SAM C . 5.84 9.90 -1.32
N3 SAM C . 4.88 9.97 -0.40
C4 SAM C . 3.68 9.92 -0.94
N SAM D . -3.54 -15.23 3.13
CA SAM D . -4.16 -14.52 2.02
C SAM D . -3.34 -14.71 0.74
O SAM D . -2.55 -13.85 0.36
OXT SAM D . -3.40 -15.73 0.05
CB SAM D . -4.34 -13.04 2.37
CG SAM D . -5.60 -12.31 1.92
SD SAM D . -5.28 -10.55 1.60
CE SAM D . -6.46 -9.64 2.62
C5' SAM D . -6.00 -10.25 -0.05
C4' SAM D . -4.97 -10.27 -1.17
O4' SAM D . -3.88 -9.37 -0.93
C3' SAM D . -4.33 -11.63 -1.38
O3' SAM D . -5.19 -12.46 -2.15
C2' SAM D . -3.05 -11.27 -2.08
O2' SAM D . -3.35 -10.96 -3.42
C1' SAM D . -2.69 -9.92 -1.44
N9 SAM D . -1.70 -10.05 -0.34
C8 SAM D . -1.89 -9.74 0.99
N7 SAM D . -0.72 -9.97 1.66
C5 SAM D . 0.20 -10.41 0.77
C6 SAM D . 1.53 -10.78 0.90
N6 SAM D . 2.13 -10.74 2.08
N1 SAM D . 2.22 -11.22 -0.21
C2 SAM D . 1.59 -11.27 -1.44
N3 SAM D . 0.28 -10.90 -1.56
C4 SAM D . -0.41 -10.47 -0.48
#